data_3OQZ
#
_entry.id   3OQZ
#
_cell.length_a   99.850
_cell.length_b   31.679
_cell.length_c   69.171
_cell.angle_alpha   90.00
_cell.angle_beta   90.93
_cell.angle_gamma   90.00
#
_symmetry.space_group_name_H-M   'C 1 2 1'
#
loop_
_entity.id
_entity.type
_entity.pdbx_description
1 polymer 'Ribonuclease pancreatic'
2 polymer 'Ribonuclease pancreatic'
3 water water
#
loop_
_entity_poly.entity_id
_entity_poly.type
_entity_poly.pdbx_seq_one_letter_code
_entity_poly.pdbx_strand_id
1 'polypeptide(L)' KETAAAK(3CF)ERQHMDS a,b
2 'polypeptide(L)'
;SSSNYCNQMMKSRNLTKDRCKPVNTFVHESLADVQAVCSQKNVACKNGQTNCYQSYSTMSITDCRETGSSKYPNCAYKTT
QANKHIIVACEGNPYVPVHFDASV
;
A,B
#
# COMPACT_ATOMS: atom_id res chain seq x y z
N LYS A 1 22.40 14.67 10.61
CA LYS A 1 21.36 14.14 9.73
C LYS A 1 20.81 12.84 10.31
N GLU A 2 21.08 12.62 11.59
CA GLU A 2 20.66 11.40 12.27
C GLU A 2 21.66 10.27 12.04
N THR A 3 22.41 9.93 13.09
CA THR A 3 23.37 8.84 13.00
C THR A 3 22.62 7.52 12.79
N ALA A 4 23.04 6.75 11.79
CA ALA A 4 22.43 5.47 11.44
C ALA A 4 22.03 4.63 12.65
N ALA A 5 22.73 4.81 13.76
CA ALA A 5 22.40 4.10 14.99
C ALA A 5 21.14 4.67 15.64
N ALA A 6 21.01 5.99 15.58
CA ALA A 6 19.79 6.66 16.04
C ALA A 6 18.60 6.22 15.17
N LYS A 7 18.81 6.19 13.86
CA LYS A 7 17.77 5.77 12.94
C LYS A 7 17.25 4.39 13.30
N GLU A 9 17.25 2.86 16.19
CA GLU A 9 16.48 2.91 17.43
C GLU A 9 15.12 3.55 17.21
N ARG A 10 15.11 4.69 16.53
CA ARG A 10 13.84 5.34 16.22
C ARG A 10 12.92 4.37 15.50
N GLN A 11 13.50 3.53 14.65
CA GLN A 11 12.72 2.68 13.76
C GLN A 11 12.33 1.31 14.31
N HIS A 12 13.14 0.75 15.19
CA HIS A 12 12.95 -0.66 15.56
C HIS A 12 12.99 -0.94 17.05
N MET A 13 13.44 0.03 17.82
CA MET A 13 13.52 -0.15 19.26
C MET A 13 12.28 0.39 19.98
N ASP A 14 11.53 -0.51 20.59
CA ASP A 14 10.56 -0.10 21.59
C ASP A 14 10.82 -0.87 22.87
N SER A 15 11.79 -0.41 23.65
CA SER A 15 12.11 -1.05 24.91
C SER A 15 11.01 -0.83 25.94
N SER B 3 -3.17 -3.99 19.62
CA SER B 3 -3.59 -4.25 18.24
C SER B 3 -3.78 -2.94 17.48
N ASN B 4 -3.74 -1.84 18.23
CA ASN B 4 -3.71 -0.50 17.64
C ASN B 4 -2.29 0.03 17.76
N TYR B 5 -1.41 -0.82 18.28
CA TYR B 5 -0.02 -0.50 18.55
C TYR B 5 0.74 -0.04 17.32
N CYS B 6 0.65 -0.80 16.24
CA CYS B 6 1.36 -0.46 15.00
C CYS B 6 0.95 0.89 14.43
N ASN B 7 -0.34 1.19 14.51
CA ASN B 7 -0.85 2.46 14.01
C ASN B 7 -0.25 3.62 14.79
N GLN B 8 -0.17 3.50 16.11
CA GLN B 8 0.46 4.52 16.94
C GLN B 8 1.96 4.56 16.68
N MET B 9 2.60 3.40 16.79
CA MET B 9 4.05 3.32 16.72
C MET B 9 4.62 3.84 15.41
N MET B 10 4.01 3.46 14.29
CA MET B 10 4.49 3.91 12.99
C MET B 10 4.41 5.43 12.92
N LYS B 11 3.44 6.00 13.63
CA LYS B 11 3.23 7.43 13.63
C LYS B 11 4.21 8.16 14.55
N SER B 12 4.32 7.72 15.79
CA SER B 12 5.22 8.36 16.73
C SER B 12 6.66 8.31 16.26
N ARG B 13 6.97 7.33 15.43
CA ARG B 13 8.33 7.15 14.96
C ARG B 13 8.54 7.71 13.56
N ASN B 14 7.62 8.58 13.16
CA ASN B 14 7.70 9.28 11.88
C ASN B 14 7.89 8.34 10.69
N LEU B 15 7.22 7.19 10.74
CA LEU B 15 7.33 6.19 9.67
C LEU B 15 6.19 6.30 8.67
N THR B 16 5.32 7.28 8.91
CA THR B 16 4.17 7.51 8.05
C THR B 16 4.13 8.97 7.63
N LYS B 17 5.31 9.55 7.40
CA LYS B 17 5.42 10.99 7.17
C LYS B 17 4.97 11.41 5.78
N ASP B 18 5.56 10.82 4.74
CA ASP B 18 5.19 11.16 3.38
C ASP B 18 4.57 9.98 2.68
N ARG B 19 4.99 8.78 3.05
CA ARG B 19 4.31 7.58 2.61
C ARG B 19 4.06 6.69 3.81
N CYS B 20 3.28 5.63 3.60
CA CYS B 20 3.09 4.64 4.64
C CYS B 20 4.17 3.60 4.47
N LYS B 21 5.01 3.44 5.49
CA LYS B 21 6.01 2.39 5.45
C LYS B 21 5.26 1.07 5.42
N PRO B 22 5.41 0.31 4.34
CA PRO B 22 4.70 -0.96 4.17
C PRO B 22 4.91 -1.88 5.36
N VAL B 23 6.15 -2.28 5.61
CA VAL B 23 6.46 -3.24 6.66
C VAL B 23 7.47 -2.64 7.60
N ASN B 24 7.29 -2.86 8.90
CA ASN B 24 8.31 -2.48 9.86
C ASN B 24 8.28 -3.30 11.16
N THR B 25 9.46 -3.64 11.66
CA THR B 25 9.55 -4.47 12.85
C THR B 25 10.09 -3.73 14.06
N PHE B 26 9.40 -3.84 15.19
CA PHE B 26 9.86 -3.25 16.44
C PHE B 26 10.28 -4.34 17.43
N VAL B 27 11.34 -4.08 18.18
CA VAL B 27 11.87 -5.05 19.12
C VAL B 27 11.67 -4.57 20.55
N HIS B 28 11.25 -5.47 21.44
CA HIS B 28 10.87 -5.08 22.78
C HIS B 28 11.86 -5.50 23.86
N GLU B 29 13.06 -5.91 23.48
CA GLU B 29 14.07 -6.26 24.46
C GLU B 29 14.77 -5.00 24.96
N SER B 30 15.59 -5.15 26.00
CA SER B 30 16.38 -4.02 26.44
C SER B 30 17.33 -3.62 25.32
N LEU B 31 17.71 -2.35 25.30
CA LEU B 31 18.67 -1.88 24.32
C LEU B 31 19.94 -2.72 24.41
N ALA B 32 20.37 -3.01 25.62
CA ALA B 32 21.62 -3.74 25.85
C ALA B 32 21.59 -5.11 25.20
N ASP B 33 20.48 -5.81 25.35
CA ASP B 33 20.36 -7.15 24.79
C ASP B 33 20.44 -7.10 23.27
N VAL B 34 19.76 -6.12 22.69
CA VAL B 34 19.72 -5.97 21.23
C VAL B 34 21.07 -5.56 20.65
N GLN B 35 21.81 -4.72 21.36
CA GLN B 35 23.13 -4.32 20.90
C GLN B 35 24.15 -5.46 21.04
N ALA B 36 23.85 -6.41 21.93
CA ALA B 36 24.73 -7.54 22.18
C ALA B 36 24.75 -8.52 21.02
N VAL B 37 23.70 -8.47 20.21
CA VAL B 37 23.58 -9.32 19.04
C VAL B 37 24.75 -9.09 18.11
N CYS B 38 25.40 -7.94 18.24
CA CYS B 38 26.53 -7.64 17.38
C CYS B 38 27.72 -8.52 17.71
N SER B 39 27.68 -9.16 18.87
CA SER B 39 28.75 -10.08 19.22
C SER B 39 28.22 -11.49 19.29
N GLN B 40 27.21 -11.79 18.47
CA GLN B 40 26.65 -13.12 18.41
C GLN B 40 26.92 -13.80 17.07
N LYS B 41 25.95 -14.54 16.53
CA LYS B 41 26.20 -15.33 15.31
C LYS B 41 26.39 -14.47 14.06
N ASN B 42 27.59 -14.47 13.50
CA ASN B 42 27.83 -13.72 12.28
C ASN B 42 27.26 -14.46 11.06
N VAL B 43 26.55 -13.73 10.20
CA VAL B 43 25.91 -14.29 9.02
C VAL B 43 25.85 -13.26 7.89
N ALA B 44 25.56 -13.75 6.69
CA ALA B 44 25.39 -12.89 5.52
C ALA B 44 24.13 -12.02 5.61
N CYS B 45 24.27 -10.75 5.25
CA CYS B 45 23.11 -9.88 5.09
C CYS B 45 22.45 -10.20 3.76
N LYS B 46 21.17 -9.85 3.66
CA LYS B 46 20.46 -9.96 2.40
C LYS B 46 21.22 -9.27 1.27
N ASN B 47 21.90 -8.17 1.58
CA ASN B 47 22.56 -7.37 0.56
C ASN B 47 23.94 -7.89 0.17
N GLY B 48 24.39 -8.93 0.86
CA GLY B 48 25.63 -9.58 0.49
C GLY B 48 26.83 -9.21 1.36
N GLN B 49 26.70 -8.14 2.14
CA GLN B 49 27.76 -7.84 3.11
C GLN B 49 27.81 -8.98 4.13
N THR B 50 28.83 -8.98 4.97
CA THR B 50 28.98 -10.07 5.94
C THR B 50 29.07 -9.54 7.38
N ASN B 51 28.45 -8.39 7.60
CA ASN B 51 28.42 -7.77 8.92
C ASN B 51 27.04 -7.86 9.60
N CYS B 52 26.28 -8.90 9.28
CA CYS B 52 25.02 -9.12 9.95
C CYS B 52 25.19 -10.17 11.02
N TYR B 53 24.33 -10.13 12.01
CA TYR B 53 24.42 -11.06 13.11
C TYR B 53 23.02 -11.48 13.46
N GLN B 54 22.88 -12.73 13.87
CA GLN B 54 21.58 -13.25 14.23
C GLN B 54 21.57 -13.47 15.73
N SER B 55 20.48 -13.14 16.39
CA SER B 55 20.44 -13.28 17.83
C SER B 55 20.40 -14.76 18.23
N TYR B 56 21.34 -15.17 19.08
CA TYR B 56 21.32 -16.50 19.69
C TYR B 56 19.95 -16.83 20.27
N SER B 57 19.28 -15.84 20.86
CA SER B 57 17.96 -16.05 21.44
C SER B 57 16.83 -15.50 20.57
N THR B 58 15.64 -16.03 20.77
CA THR B 58 14.45 -15.42 20.21
C THR B 58 14.21 -14.14 21.01
N MET B 59 13.73 -13.11 20.34
CA MET B 59 13.40 -11.86 21.00
C MET B 59 11.92 -11.55 20.87
N SER B 60 11.40 -10.87 21.88
CA SER B 60 10.04 -10.37 21.81
C SER B 60 9.98 -9.23 20.79
N ILE B 61 9.23 -9.43 19.70
CA ILE B 61 9.11 -8.41 18.67
C ILE B 61 7.66 -8.17 18.27
N THR B 62 7.45 -7.22 17.37
CA THR B 62 6.11 -6.90 16.85
C THR B 62 6.22 -6.63 15.36
N ASP B 63 5.40 -7.27 14.56
CA ASP B 63 5.47 -7.04 13.12
C ASP B 63 4.39 -6.10 12.63
N CYS B 64 4.81 -4.99 12.03
CA CYS B 64 3.89 -4.00 11.53
C CYS B 64 3.84 -4.04 10.02
N ARG B 65 2.72 -4.53 9.50
CA ARG B 65 2.50 -4.57 8.07
C ARG B 65 1.22 -3.82 7.71
N GLU B 66 1.31 -2.96 6.72
CA GLU B 66 0.19 -2.22 6.20
C GLU B 66 -0.86 -3.20 5.66
N THR B 67 -2.13 -2.88 5.87
CA THR B 67 -3.22 -3.64 5.28
C THR B 67 -3.29 -3.30 3.79
N GLY B 68 -3.97 -4.15 3.02
CA GLY B 68 -4.15 -3.90 1.60
C GLY B 68 -5.01 -2.68 1.33
N SER B 69 -5.71 -2.23 2.36
CA SER B 69 -6.69 -1.16 2.25
C SER B 69 -6.15 0.19 2.73
N SER B 70 -4.96 0.17 3.34
CA SER B 70 -4.38 1.40 3.90
C SER B 70 -4.09 2.43 2.84
N LYS B 71 -4.22 3.70 3.19
CA LYS B 71 -3.88 4.77 2.26
C LYS B 71 -3.44 6.03 2.99
N TYR B 72 -2.23 6.49 2.64
CA TYR B 72 -1.70 7.76 3.15
C TYR B 72 -2.79 8.83 3.05
N PRO B 73 -2.90 9.69 4.08
CA PRO B 73 -2.12 9.78 5.32
C PRO B 73 -2.65 8.87 6.40
N ASN B 74 -3.76 8.21 6.15
CA ASN B 74 -4.33 7.31 7.12
C ASN B 74 -3.78 5.91 6.91
N CYS B 75 -2.49 5.75 7.19
CA CYS B 75 -1.81 4.47 7.03
C CYS B 75 -2.35 3.49 8.08
N ALA B 76 -2.62 2.27 7.65
CA ALA B 76 -3.20 1.25 8.53
C ALA B 76 -2.33 0.00 8.57
N TYR B 77 -2.25 -0.60 9.77
CA TYR B 77 -1.31 -1.67 10.02
C TYR B 77 -1.91 -2.85 10.77
N LYS B 78 -1.44 -4.04 10.44
CA LYS B 78 -1.79 -5.23 11.20
C LYS B 78 -0.64 -5.46 12.19
N THR B 79 -0.98 -5.57 13.47
CA THR B 79 -0.01 -5.75 14.53
C THR B 79 0.12 -7.22 14.90
N THR B 80 1.26 -7.82 14.59
CA THR B 80 1.50 -9.21 14.94
C THR B 80 2.67 -9.33 15.91
N GLN B 81 2.40 -9.84 17.11
CA GLN B 81 3.44 -10.03 18.10
C GLN B 81 4.09 -11.38 17.87
N ALA B 82 5.38 -11.49 18.18
CA ALA B 82 6.10 -12.74 17.93
C ALA B 82 7.36 -12.87 18.77
N ASN B 83 7.82 -14.11 18.91
CA ASN B 83 9.09 -14.40 19.55
C ASN B 83 10.03 -15.03 18.54
N LYS B 84 10.98 -14.24 18.05
CA LYS B 84 11.84 -14.70 16.96
C LYS B 84 13.29 -14.24 17.06
N HIS B 85 14.19 -15.00 16.44
CA HIS B 85 15.58 -14.58 16.32
C HIS B 85 15.66 -13.42 15.32
N ILE B 86 16.34 -12.35 15.71
CA ILE B 86 16.46 -11.21 14.81
C ILE B 86 17.81 -11.21 14.12
N ILE B 87 17.91 -10.46 13.03
CA ILE B 87 19.15 -10.38 12.29
C ILE B 87 19.42 -8.93 11.94
N VAL B 88 20.48 -8.38 12.53
CA VAL B 88 20.77 -6.96 12.40
C VAL B 88 22.12 -6.80 11.76
N ALA B 89 22.34 -5.66 11.11
CA ALA B 89 23.66 -5.30 10.63
C ALA B 89 24.26 -4.41 11.69
N CYS B 90 25.53 -4.64 12.04
CA CYS B 90 26.20 -3.83 13.03
C CYS B 90 27.33 -3.04 12.39
N GLU B 91 27.65 -1.89 12.96
CA GLU B 91 28.68 -1.06 12.36
C GLU B 91 29.13 -0.01 13.36
N GLY B 92 30.31 0.54 13.13
CA GLY B 92 30.81 1.63 13.93
C GLY B 92 31.30 1.26 15.32
N ASN B 93 31.70 2.27 16.07
CA ASN B 93 32.28 2.11 17.38
C ASN B 93 31.58 3.07 18.34
N PRO B 94 30.71 2.56 19.21
CA PRO B 94 30.52 1.15 19.55
C PRO B 94 29.94 0.34 18.39
N TYR B 95 30.26 -0.95 18.35
CA TYR B 95 29.65 -1.86 17.38
C TYR B 95 28.20 -2.07 17.78
N VAL B 96 27.28 -1.45 17.04
CA VAL B 96 25.87 -1.49 17.36
C VAL B 96 25.07 -1.73 16.09
N PRO B 97 23.79 -2.16 16.24
CA PRO B 97 22.91 -2.38 15.08
C PRO B 97 22.61 -1.07 14.36
N VAL B 98 22.58 -1.10 13.04
CA VAL B 98 22.33 0.09 12.24
C VAL B 98 21.30 -0.22 11.15
N HIS B 99 20.91 -1.48 11.08
CA HIS B 99 19.95 -1.91 10.08
CA HIS B 99 19.94 -1.90 10.08
C HIS B 99 19.26 -3.17 10.55
N PHE B 100 17.93 -3.17 10.50
CA PHE B 100 17.19 -4.38 10.74
C PHE B 100 17.23 -5.12 9.42
N ASP B 101 17.48 -6.42 9.47
CA ASP B 101 17.67 -7.17 8.25
C ASP B 101 16.57 -8.20 8.06
N ALA B 102 16.22 -8.91 9.12
CA ALA B 102 15.22 -9.95 9.03
C ALA B 102 15.04 -10.61 10.37
N SER B 103 14.05 -11.48 10.47
CA SER B 103 13.87 -12.29 11.66
C SER B 103 13.50 -13.70 11.24
N VAL B 104 13.95 -14.68 12.02
CA VAL B 104 13.66 -16.08 11.70
C VAL B 104 13.11 -16.83 12.93
N LYS C 1 -15.63 -7.05 4.36
CA LYS C 1 -16.94 -7.51 3.92
C LYS C 1 -17.17 -7.22 2.43
N GLU C 2 -16.61 -6.12 1.95
CA GLU C 2 -16.65 -5.82 0.52
C GLU C 2 -15.45 -6.44 -0.16
N THR C 3 -15.69 -7.35 -1.09
CA THR C 3 -14.60 -7.93 -1.86
C THR C 3 -14.10 -6.91 -2.87
N ALA C 4 -12.82 -6.99 -3.18
CA ALA C 4 -12.19 -6.15 -4.20
C ALA C 4 -12.98 -6.14 -5.50
N ALA C 5 -13.36 -7.32 -5.98
CA ALA C 5 -14.29 -7.41 -7.11
C ALA C 5 -15.50 -6.47 -6.90
N ALA C 6 -16.18 -6.61 -5.78
CA ALA C 6 -17.38 -5.81 -5.53
C ALA C 6 -17.00 -4.34 -5.44
N LYS C 7 -15.82 -4.07 -4.92
CA LYS C 7 -15.35 -2.71 -4.76
C LYS C 7 -15.13 -2.05 -6.11
N GLU C 9 -16.69 -2.79 -8.77
CA GLU C 9 -17.99 -2.62 -9.41
C GLU C 9 -18.71 -1.39 -8.88
N ARG C 10 -18.52 -1.13 -7.59
CA ARG C 10 -19.09 0.06 -6.96
C ARG C 10 -18.41 1.31 -7.48
N GLN C 11 -17.10 1.25 -7.66
CA GLN C 11 -16.34 2.42 -8.08
C GLN C 11 -16.32 2.70 -9.59
N HIS C 12 -16.64 1.70 -10.41
CA HIS C 12 -16.40 1.86 -11.86
C HIS C 12 -17.50 1.35 -12.80
N MET C 13 -18.37 0.48 -12.34
CA MET C 13 -19.35 -0.08 -13.24
C MET C 13 -20.61 0.76 -13.21
N ASP C 14 -21.06 1.16 -14.39
CA ASP C 14 -22.34 1.80 -14.53
C ASP C 14 -22.99 1.36 -15.83
N SER C 15 -23.61 0.19 -15.78
CA SER C 15 -24.18 -0.39 -16.99
C SER C 15 -25.45 0.33 -17.40
N SER D 2 -29.86 14.60 -11.81
CA SER D 2 -28.97 15.71 -11.50
C SER D 2 -28.70 16.56 -12.73
N SER D 3 -27.95 17.64 -12.52
CA SER D 3 -27.43 18.45 -13.61
C SER D 3 -25.95 18.10 -13.82
N ASN D 4 -25.43 17.23 -12.95
CA ASN D 4 -24.04 16.78 -13.03
C ASN D 4 -23.95 15.31 -12.65
N TYR D 5 -23.71 14.47 -13.66
CA TYR D 5 -23.62 13.02 -13.50
C TYR D 5 -22.58 12.64 -12.45
N CYS D 6 -21.41 13.26 -12.53
CA CYS D 6 -20.32 12.98 -11.61
C CYS D 6 -20.61 13.33 -10.14
N ASN D 7 -21.17 14.51 -9.88
CA ASN D 7 -21.62 14.81 -8.51
C ASN D 7 -22.61 13.77 -7.96
N GLN D 8 -23.52 13.32 -8.82
CA GLN D 8 -24.49 12.31 -8.45
C GLN D 8 -23.83 10.95 -8.14
N MET D 9 -23.02 10.48 -9.08
CA MET D 9 -22.43 9.15 -9.00
C MET D 9 -21.33 9.07 -7.94
N MET D 10 -20.46 10.06 -7.93
CA MET D 10 -19.38 10.11 -6.95
C MET D 10 -19.93 10.08 -5.51
N LYS D 11 -21.08 10.70 -5.27
CA LYS D 11 -21.70 10.56 -3.95
C LYS D 11 -22.42 9.24 -3.78
N SER D 12 -23.33 8.90 -4.68
CA SER D 12 -24.12 7.67 -4.51
C SER D 12 -23.27 6.40 -4.47
N ARG D 13 -22.09 6.42 -5.08
CA ARG D 13 -21.15 5.30 -4.96
C ARG D 13 -20.21 5.39 -3.76
N ASN D 14 -20.43 6.38 -2.90
CA ASN D 14 -19.63 6.59 -1.69
C ASN D 14 -18.19 6.93 -1.98
N LEU D 15 -17.96 7.78 -2.98
CA LEU D 15 -16.61 8.15 -3.35
C LEU D 15 -16.33 9.55 -2.86
N THR D 16 -17.23 10.04 -2.03
CA THR D 16 -17.05 11.33 -1.39
C THR D 16 -17.36 11.23 0.09
N LYS D 17 -17.33 10.01 0.62
CA LYS D 17 -17.73 9.84 2.02
C LYS D 17 -16.63 10.24 3.00
N ASP D 18 -15.43 9.74 2.81
CA ASP D 18 -14.32 10.06 3.72
C ASP D 18 -13.36 11.06 3.11
N ARG D 19 -13.40 11.22 1.80
CA ARG D 19 -12.75 12.34 1.13
C ARG D 19 -13.40 12.54 -0.24
N CYS D 20 -13.00 13.60 -0.95
CA CYS D 20 -13.35 13.77 -2.35
C CYS D 20 -12.36 12.98 -3.20
N LYS D 21 -12.77 11.80 -3.68
CA LYS D 21 -11.93 11.04 -4.59
C LYS D 21 -11.57 11.93 -5.76
N PRO D 22 -10.27 12.17 -5.95
CA PRO D 22 -9.76 13.17 -6.90
C PRO D 22 -10.20 12.91 -8.34
N VAL D 23 -10.03 11.69 -8.82
CA VAL D 23 -10.38 11.31 -10.17
C VAL D 23 -11.08 9.95 -10.13
N ASN D 24 -12.07 9.74 -11.00
CA ASN D 24 -12.70 8.41 -11.12
C ASN D 24 -13.33 8.17 -12.49
N THR D 25 -13.31 6.92 -12.93
CA THR D 25 -13.85 6.60 -14.24
C THR D 25 -14.92 5.55 -14.12
N PHE D 26 -16.08 5.85 -14.70
CA PHE D 26 -17.18 4.90 -14.79
C PHE D 26 -17.25 4.39 -16.20
N VAL D 27 -17.63 3.12 -16.32
CA VAL D 27 -17.65 2.43 -17.59
C VAL D 27 -19.09 2.00 -17.88
N HIS D 28 -19.65 2.43 -18.99
CA HIS D 28 -21.01 2.06 -19.36
C HIS D 28 -20.96 0.92 -20.35
N GLU D 29 -20.64 -0.27 -19.87
CA GLU D 29 -20.64 -1.46 -20.69
C GLU D 29 -21.14 -2.54 -19.74
N SER D 30 -21.42 -3.72 -20.26
CA SER D 30 -21.88 -4.81 -19.41
C SER D 30 -20.77 -5.32 -18.48
N LEU D 31 -21.13 -5.79 -17.28
CA LEU D 31 -20.14 -6.32 -16.37
C LEU D 31 -19.30 -7.38 -17.04
N ALA D 32 -19.93 -8.15 -17.92
CA ALA D 32 -19.26 -9.22 -18.65
C ALA D 32 -18.26 -8.72 -19.66
N ASP D 33 -18.63 -7.69 -20.43
CA ASP D 33 -17.71 -7.15 -21.42
C ASP D 33 -16.46 -6.58 -20.76
N VAL D 34 -16.65 -5.95 -19.59
CA VAL D 34 -15.53 -5.46 -18.81
C VAL D 34 -14.73 -6.63 -18.23
N GLN D 35 -15.41 -7.55 -17.56
CA GLN D 35 -14.73 -8.73 -17.01
C GLN D 35 -13.89 -9.47 -18.06
N ALA D 36 -14.32 -9.41 -19.30
CA ALA D 36 -13.61 -10.09 -20.37
C ALA D 36 -12.29 -9.43 -20.67
N VAL D 37 -12.15 -8.17 -20.28
CA VAL D 37 -10.91 -7.45 -20.54
C VAL D 37 -9.72 -8.14 -19.86
N CYS D 38 -10.02 -9.00 -18.89
CA CYS D 38 -8.97 -9.66 -18.12
C CYS D 38 -8.21 -10.72 -18.93
N SER D 39 -8.69 -11.00 -20.13
CA SER D 39 -8.01 -11.96 -20.97
C SER D 39 -7.70 -11.34 -22.31
N GLN D 40 -7.72 -10.02 -22.38
CA GLN D 40 -7.37 -9.33 -23.62
C GLN D 40 -5.91 -8.85 -23.60
N LYS D 41 -5.66 -7.66 -24.13
CA LYS D 41 -4.28 -7.17 -24.32
C LYS D 41 -3.52 -6.93 -23.02
N ASN D 42 -2.63 -7.85 -22.70
CA ASN D 42 -1.82 -7.73 -21.49
C ASN D 42 -0.80 -6.60 -21.59
N VAL D 43 -0.79 -5.72 -20.59
CA VAL D 43 0.13 -4.58 -20.58
C VAL D 43 0.62 -4.29 -19.16
N ALA D 44 1.57 -3.38 -19.06
CA ALA D 44 2.12 -3.02 -17.76
C ALA D 44 1.22 -2.03 -17.03
N CYS D 45 0.93 -2.31 -15.77
CA CYS D 45 0.25 -1.34 -14.91
C CYS D 45 1.16 -0.16 -14.65
N LYS D 46 0.58 0.97 -14.31
CA LYS D 46 1.38 2.17 -14.07
C LYS D 46 2.28 2.07 -12.83
N ASN D 47 1.91 1.23 -11.87
CA ASN D 47 2.73 1.03 -10.68
C ASN D 47 3.88 0.06 -10.94
N GLY D 48 3.85 -0.61 -12.08
CA GLY D 48 4.94 -1.48 -12.44
C GLY D 48 4.56 -2.94 -12.45
N GLN D 49 3.40 -3.27 -11.89
CA GLN D 49 2.92 -4.64 -11.95
C GLN D 49 2.61 -5.02 -13.39
N THR D 50 2.39 -6.30 -13.65
CA THR D 50 2.15 -6.80 -15.00
C THR D 50 0.74 -7.35 -15.20
N ASN D 51 -0.06 -7.32 -14.14
CA ASN D 51 -1.42 -7.83 -14.23
C ASN D 51 -2.43 -6.81 -14.74
N CYS D 52 -2.03 -6.03 -15.74
CA CYS D 52 -2.95 -5.08 -16.37
C CYS D 52 -3.29 -5.51 -17.78
N TYR D 53 -4.48 -5.13 -18.22
CA TYR D 53 -4.97 -5.54 -19.52
C TYR D 53 -5.75 -4.39 -20.15
N GLN D 54 -5.46 -4.13 -21.42
CA GLN D 54 -6.11 -3.08 -22.16
C GLN D 54 -7.12 -3.66 -23.15
N SER D 55 -8.33 -3.12 -23.17
CA SER D 55 -9.38 -3.68 -24.01
C SER D 55 -9.12 -3.51 -25.52
N TYR D 56 -9.50 -4.51 -26.30
CA TYR D 56 -9.31 -4.44 -27.74
C TYR D 56 -10.25 -3.41 -28.41
N SER D 57 -11.46 -3.27 -27.88
CA SER D 57 -12.42 -2.33 -28.42
C SER D 57 -12.50 -1.10 -27.53
N THR D 58 -12.87 0.04 -28.10
CA THR D 58 -13.04 1.20 -27.26
C THR D 58 -14.28 0.96 -26.41
N MET D 59 -14.39 1.69 -25.30
CA MET D 59 -15.54 1.50 -24.43
C MET D 59 -16.12 2.82 -24.03
N SER D 60 -17.40 2.82 -23.74
CA SER D 60 -18.07 4.03 -23.32
C SER D 60 -17.70 4.34 -21.89
N ILE D 61 -17.05 5.49 -21.66
CA ILE D 61 -16.72 5.90 -20.29
C ILE D 61 -17.02 7.34 -19.93
N THR D 62 -17.02 7.62 -18.63
CA THR D 62 -17.15 8.95 -18.12
C THR D 62 -16.05 9.21 -17.10
N ASP D 63 -15.21 10.22 -17.37
CA ASP D 63 -14.22 10.67 -16.39
C ASP D 63 -14.84 11.72 -15.48
N CYS D 64 -14.84 11.44 -14.18
CA CYS D 64 -15.13 12.46 -13.19
C CYS D 64 -13.82 12.94 -12.57
N ARG D 65 -13.61 14.25 -12.67
CA ARG D 65 -12.43 14.89 -12.13
C ARG D 65 -12.84 16.07 -11.23
N GLU D 66 -12.30 16.10 -10.03
CA GLU D 66 -12.65 17.12 -9.04
C GLU D 66 -12.27 18.53 -9.52
N THR D 67 -13.15 19.50 -9.28
CA THR D 67 -12.87 20.90 -9.63
C THR D 67 -11.88 21.58 -8.65
N GLY D 68 -11.42 22.77 -9.02
CA GLY D 68 -10.51 23.53 -8.16
C GLY D 68 -11.17 24.08 -6.91
N SER D 69 -12.47 24.27 -6.95
CA SER D 69 -13.20 24.81 -5.81
C SER D 69 -13.69 23.72 -4.87
N SER D 70 -13.76 22.50 -5.38
CA SER D 70 -14.16 21.34 -4.58
C SER D 70 -13.37 21.28 -3.30
N LYS D 71 -14.04 21.09 -2.19
CA LYS D 71 -13.38 20.99 -0.90
C LYS D 71 -14.22 20.16 0.05
N TYR D 72 -13.75 18.95 0.34
CA TYR D 72 -14.43 18.06 1.26
C TYR D 72 -14.98 18.86 2.44
N PRO D 73 -16.24 18.65 2.82
CA PRO D 73 -17.22 17.69 2.32
C PRO D 73 -18.08 18.25 1.21
N ASN D 74 -17.72 19.40 0.63
CA ASN D 74 -18.49 19.98 -0.47
C ASN D 74 -17.83 19.63 -1.79
N CYS D 75 -17.81 18.33 -2.11
CA CYS D 75 -17.13 17.84 -3.30
C CYS D 75 -17.85 18.29 -4.56
N ALA D 76 -17.10 18.48 -5.64
CA ALA D 76 -17.70 18.85 -6.93
C ALA D 76 -16.76 18.44 -8.05
N TYR D 77 -17.34 17.97 -9.15
CA TYR D 77 -16.56 17.32 -10.20
C TYR D 77 -16.92 17.88 -11.55
N LYS D 78 -16.00 17.74 -12.49
CA LYS D 78 -16.24 18.09 -13.88
C LYS D 78 -16.42 16.78 -14.62
N THR D 79 -17.44 16.71 -15.46
CA THR D 79 -17.82 15.48 -16.12
C THR D 79 -17.31 15.45 -17.56
N THR D 80 -16.68 14.36 -17.94
CA THR D 80 -16.13 14.22 -19.29
C THR D 80 -16.53 12.87 -19.84
N GLN D 81 -17.10 12.87 -21.03
CA GLN D 81 -17.56 11.65 -21.67
C GLN D 81 -16.64 11.29 -22.82
N ALA D 82 -16.32 10.01 -22.96
CA ALA D 82 -15.37 9.57 -23.99
C ALA D 82 -15.64 8.12 -24.42
N ASN D 83 -15.10 7.76 -25.57
CA ASN D 83 -14.99 6.36 -25.96
C ASN D 83 -13.54 6.04 -26.18
N LYS D 84 -12.99 5.27 -25.24
CA LYS D 84 -11.57 4.99 -25.21
C LYS D 84 -11.36 3.55 -24.87
N HIS D 85 -10.16 3.05 -25.12
CA HIS D 85 -9.76 1.75 -24.64
C HIS D 85 -9.39 1.88 -23.18
N ILE D 86 -9.92 0.99 -22.35
CA ILE D 86 -9.60 1.04 -20.93
C ILE D 86 -8.46 0.09 -20.58
N ILE D 87 -7.77 0.37 -19.49
CA ILE D 87 -6.79 -0.54 -18.94
CA ILE D 87 -6.78 -0.53 -18.95
C ILE D 87 -7.11 -0.79 -17.48
N VAL D 88 -7.32 -2.05 -17.13
CA VAL D 88 -7.64 -2.43 -15.76
C VAL D 88 -6.63 -3.43 -15.19
N ALA D 89 -6.58 -3.54 -13.87
CA ALA D 89 -5.73 -4.50 -13.18
C ALA D 89 -6.60 -5.64 -12.70
N CYS D 90 -6.27 -6.86 -13.07
CA CYS D 90 -7.10 -8.00 -12.70
C CYS D 90 -6.40 -8.92 -11.72
N GLU D 91 -7.18 -9.54 -10.84
CA GLU D 91 -6.60 -10.51 -9.92
C GLU D 91 -7.64 -11.45 -9.32
N GLY D 92 -7.16 -12.38 -8.49
CA GLY D 92 -8.01 -13.35 -7.84
C GLY D 92 -8.42 -14.55 -8.68
N ASN D 93 -9.04 -15.51 -8.03
CA ASN D 93 -9.76 -16.58 -8.70
C ASN D 93 -11.19 -16.56 -8.22
N PRO D 94 -12.14 -16.26 -9.12
CA PRO D 94 -11.88 -16.02 -10.55
C PRO D 94 -11.14 -14.71 -10.79
N TYR D 95 -10.53 -14.61 -11.96
CA TYR D 95 -9.67 -13.49 -12.33
C TYR D 95 -10.50 -12.41 -12.96
N VAL D 96 -10.73 -11.36 -12.20
CA VAL D 96 -11.65 -10.29 -12.55
C VAL D 96 -10.97 -8.96 -12.31
N PRO D 97 -11.49 -7.89 -12.93
CA PRO D 97 -10.91 -6.56 -12.74
C PRO D 97 -11.03 -6.08 -11.28
N VAL D 98 -10.00 -5.45 -10.74
CA VAL D 98 -10.06 -4.93 -9.37
C VAL D 98 -9.68 -3.46 -9.25
N HIS D 99 -8.99 -2.93 -10.24
CA HIS D 99 -8.58 -1.54 -10.22
CA HIS D 99 -8.58 -1.54 -10.23
C HIS D 99 -8.61 -0.97 -11.63
N PHE D 100 -8.93 0.31 -11.75
CA PHE D 100 -8.87 1.00 -13.04
C PHE D 100 -7.54 1.71 -13.17
N ASP D 101 -6.77 1.40 -14.22
CA ASP D 101 -5.43 1.97 -14.37
CA ASP D 101 -5.44 1.99 -14.35
C ASP D 101 -5.37 3.21 -15.25
N ALA D 102 -5.97 3.13 -16.43
CA ALA D 102 -5.89 4.24 -17.36
C ALA D 102 -6.84 4.01 -18.51
N SER D 103 -7.07 5.06 -19.28
CA SER D 103 -7.72 4.93 -20.56
C SER D 103 -6.78 5.46 -21.65
N VAL D 104 -6.87 4.89 -22.84
CA VAL D 104 -6.08 5.38 -23.97
C VAL D 104 -6.93 5.38 -25.24
#